data_2R8W
#
_entry.id   2R8W
#
_cell.length_a   95.994
_cell.length_b   95.994
_cell.length_c   103.120
_cell.angle_alpha   90.00
_cell.angle_beta   90.00
_cell.angle_gamma   120.00
#
_symmetry.space_group_name_H-M   'P 64'
#
loop_
_entity.id
_entity.type
_entity.pdbx_description
1 polymer AGR_C_1641p
2 non-polymer 'ACETATE ION'
3 non-polymer 'CHLORIDE ION'
4 water water
#
_entity_poly.entity_id   1
_entity_poly.type   'polypeptide(L)'
_entity_poly.pdbx_seq_one_letter_code
;(MSE)GSSHHHHHHSSGRENLYFQG(MSE)PIKARETD(MSE)ATRFKGLSAFPITPADEAGRVDIEAFSALIARLDAAE
VDSVGILGSTGIY(MSE)YLTREERRRAIEAAATILRGRRTL(MSE)AGIGALRTDEAVALAKDAEAAGADALLLAPVSY
TPLTQEEAYHHFAAVAGATALPLAIYNNPTTTRFTFSDELLVRLAYIPNIRAIK(MSE)PLPADADYAGELARLRPKLSD
DFAIGYSGDWGCTDATLAGGDTWYSVVAGLLPVPALQL(MSE)RAAQAGNAEEAKRLDATFQPLWALFKEFGSIRVIYAA
ANILSLTVSEPPRPILPLTSAERQRVEEALEALSALETAP
;
_entity_poly.pdbx_strand_id   A,B
#
# COMPACT_ATOMS: atom_id res chain seq x y z
N ASP A 30 8.39 -20.70 -26.00
CA ASP A 30 7.72 -20.34 -24.71
C ASP A 30 8.40 -19.11 -24.13
N ALA A 32 8.39 -18.07 -21.28
CA ALA A 32 8.98 -18.40 -19.98
C ALA A 32 10.51 -18.31 -20.01
N THR A 33 11.09 -18.71 -21.15
CA THR A 33 12.55 -18.72 -21.32
C THR A 33 13.24 -17.40 -20.96
N ARG A 34 12.63 -16.27 -21.34
CA ARG A 34 13.28 -14.97 -21.11
C ARG A 34 13.34 -14.59 -19.63
N PHE A 35 12.57 -15.28 -18.78
CA PHE A 35 12.56 -15.01 -17.35
C PHE A 35 13.64 -15.77 -16.56
N LYS A 36 14.30 -16.72 -17.21
CA LYS A 36 15.26 -17.60 -16.53
C LYS A 36 16.63 -16.94 -16.27
N GLY A 37 17.32 -17.45 -15.26
CA GLY A 37 18.68 -17.01 -14.96
C GLY A 37 18.74 -15.84 -14.01
N LEU A 38 19.76 -14.99 -14.20
CA LEU A 38 19.98 -13.86 -13.30
CA LEU A 38 19.99 -13.85 -13.30
C LEU A 38 19.29 -12.61 -13.85
N SER A 39 18.30 -12.15 -13.10
CA SER A 39 17.59 -10.94 -13.43
C SER A 39 18.05 -9.85 -12.46
N ALA A 40 18.76 -8.85 -12.98
CA ALA A 40 19.40 -7.81 -12.16
C ALA A 40 18.49 -6.59 -11.98
N PHE A 41 18.30 -6.18 -10.73
CA PHE A 41 17.36 -5.10 -10.39
C PHE A 41 18.08 -3.86 -9.92
N PRO A 42 18.35 -2.91 -10.85
CA PRO A 42 19.05 -1.69 -10.43
C PRO A 42 18.13 -0.73 -9.69
N ILE A 43 18.73 0.16 -8.90
CA ILE A 43 17.99 1.33 -8.40
C ILE A 43 17.61 2.26 -9.55
N THR A 44 16.69 3.19 -9.28
CA THR A 44 16.34 4.24 -10.22
C THR A 44 16.72 5.59 -9.58
N PRO A 45 17.94 6.09 -9.88
CA PRO A 45 18.36 7.36 -9.27
C PRO A 45 17.36 8.47 -9.59
N ALA A 46 16.93 9.20 -8.58
CA ALA A 46 15.98 10.30 -8.77
C ALA A 46 16.20 11.34 -7.69
N ASP A 47 15.93 12.60 -8.01
CA ASP A 47 16.09 13.66 -7.01
C ASP A 47 14.94 13.67 -6.02
N GLU A 48 14.95 14.62 -5.09
CA GLU A 48 13.95 14.68 -4.02
C GLU A 48 12.52 14.90 -4.50
N ALA A 49 12.38 15.44 -5.71
CA ALA A 49 11.08 15.67 -6.33
C ALA A 49 10.62 14.46 -7.18
N GLY A 50 11.46 13.43 -7.26
CA GLY A 50 11.11 12.23 -8.02
C GLY A 50 11.46 12.29 -9.51
N ARG A 51 12.25 13.27 -9.90
CA ARG A 51 12.73 13.37 -11.28
C ARG A 51 13.88 12.38 -11.46
N VAL A 52 13.70 11.43 -12.37
CA VAL A 52 14.73 10.40 -12.59
C VAL A 52 15.99 11.06 -13.15
N ASP A 53 17.14 10.74 -12.57
CA ASP A 53 18.45 11.17 -13.09
C ASP A 53 18.83 10.19 -14.19
N ILE A 54 18.52 10.56 -15.43
CA ILE A 54 18.69 9.62 -16.53
C ILE A 54 20.16 9.34 -16.86
N GLU A 55 21.05 10.30 -16.61
CA GLU A 55 22.49 10.05 -16.74
C GLU A 55 22.97 8.92 -15.80
N ALA A 56 22.67 9.05 -14.50
CA ALA A 56 23.04 8.03 -13.52
C ALA A 56 22.34 6.69 -13.82
N PHE A 57 21.07 6.77 -14.19
CA PHE A 57 20.32 5.56 -14.52
C PHE A 57 20.96 4.86 -15.72
N SER A 58 21.30 5.66 -16.73
CA SER A 58 21.94 5.14 -17.95
C SER A 58 23.27 4.45 -17.63
N ALA A 59 24.03 5.03 -16.71
CA ALA A 59 25.32 4.43 -16.29
C ALA A 59 25.08 3.06 -15.65
N LEU A 60 24.01 2.94 -14.85
CA LEU A 60 23.67 1.65 -14.22
C LEU A 60 23.27 0.61 -15.26
N ILE A 61 22.46 1.02 -16.24
CA ILE A 61 22.05 0.10 -17.32
C ILE A 61 23.23 -0.34 -18.19
N ALA A 62 24.08 0.61 -18.59
CA ALA A 62 25.27 0.30 -19.38
C ALA A 62 26.17 -0.71 -18.65
N ARG A 63 26.32 -0.52 -17.34
CA ARG A 63 27.13 -1.42 -16.50
C ARG A 63 26.55 -2.85 -16.51
N LEU A 64 25.23 -2.95 -16.39
CA LEU A 64 24.56 -4.25 -16.45
C LEU A 64 24.63 -4.93 -17.82
N ASP A 65 24.52 -4.15 -18.89
CA ASP A 65 24.64 -4.68 -20.25
C ASP A 65 26.07 -5.20 -20.46
N ALA A 66 27.05 -4.43 -19.99
CA ALA A 66 28.47 -4.77 -20.14
C ALA A 66 28.81 -6.07 -19.41
N ALA A 67 28.18 -6.28 -18.25
CA ALA A 67 28.37 -7.50 -17.46
C ALA A 67 27.61 -8.71 -18.00
N GLU A 68 26.65 -8.45 -18.90
CA GLU A 68 25.87 -9.48 -19.58
C GLU A 68 24.96 -10.27 -18.63
N VAL A 69 24.22 -9.57 -17.77
CA VAL A 69 23.17 -10.21 -16.97
C VAL A 69 22.11 -10.81 -17.91
N ASP A 70 21.37 -11.82 -17.44
CA ASP A 70 20.37 -12.46 -18.29
C ASP A 70 19.19 -11.54 -18.60
N SER A 71 18.80 -10.74 -17.61
CA SER A 71 17.79 -9.72 -17.85
C SER A 71 18.00 -8.56 -16.91
N VAL A 72 17.46 -7.41 -17.32
CA VAL A 72 17.51 -6.21 -16.48
C VAL A 72 16.11 -5.92 -16.01
N GLY A 73 15.90 -5.99 -14.70
CA GLY A 73 14.59 -5.77 -14.10
C GLY A 73 14.56 -4.35 -13.58
N ILE A 74 14.04 -3.43 -14.38
CA ILE A 74 13.94 -2.05 -13.90
C ILE A 74 12.59 -1.80 -13.23
N LEU A 75 12.54 -0.77 -12.39
CA LEU A 75 11.29 -0.38 -11.74
C LEU A 75 10.66 -1.54 -10.94
N GLY A 76 11.50 -2.32 -10.26
CA GLY A 76 10.98 -3.25 -9.24
C GLY A 76 10.90 -2.51 -7.92
N SER A 77 10.83 -3.25 -6.80
CA SER A 77 10.83 -2.62 -5.49
C SER A 77 12.16 -1.87 -5.30
N THR A 78 13.24 -2.50 -5.74
CA THR A 78 14.57 -1.88 -5.69
C THR A 78 14.58 -0.58 -6.48
N GLY A 79 13.87 -0.56 -7.60
CA GLY A 79 13.82 0.59 -8.52
C GLY A 79 12.72 1.62 -8.22
N ILE A 80 12.17 1.53 -7.01
CA ILE A 80 11.16 2.46 -6.45
C ILE A 80 9.98 2.82 -7.37
N TYR A 81 9.46 1.86 -8.12
CA TYR A 81 8.43 2.21 -9.10
C TYR A 81 7.23 2.89 -8.49
N TYR A 83 7.09 4.95 -6.18
CA TYR A 83 7.44 6.29 -5.69
C TYR A 83 7.76 7.23 -6.85
N LEU A 84 7.49 6.76 -8.07
CA LEU A 84 7.71 7.54 -9.28
C LEU A 84 6.40 7.69 -10.03
N THR A 85 6.25 8.81 -10.73
CA THR A 85 5.03 9.07 -11.52
C THR A 85 4.97 8.20 -12.78
N ARG A 86 3.78 8.06 -13.35
CA ARG A 86 3.64 7.40 -14.65
C ARG A 86 4.66 7.93 -15.67
N GLU A 87 4.75 9.26 -15.78
CA GLU A 87 5.68 9.87 -16.75
C GLU A 87 7.15 9.54 -16.48
N GLU A 88 7.55 9.57 -15.22
CA GLU A 88 8.95 9.30 -14.86
C GLU A 88 9.30 7.81 -15.04
N ARG A 89 8.33 6.95 -14.79
CA ARG A 89 8.48 5.52 -15.08
C ARG A 89 8.69 5.30 -16.59
N ARG A 90 7.91 6.01 -17.41
CA ARG A 90 8.03 5.90 -18.87
C ARG A 90 9.42 6.35 -19.33
N ARG A 91 9.92 7.42 -18.73
CA ARG A 91 11.25 7.99 -19.06
C ARG A 91 12.34 6.97 -18.80
N ALA A 92 12.23 6.28 -17.66
CA ALA A 92 13.20 5.27 -17.25
C ALA A 92 13.18 4.11 -18.25
N ILE A 93 11.98 3.65 -18.62
CA ILE A 93 11.87 2.54 -19.57
C ILE A 93 12.44 2.91 -20.94
N GLU A 94 12.07 4.07 -21.46
CA GLU A 94 12.61 4.56 -22.74
C GLU A 94 14.15 4.59 -22.72
N ALA A 95 14.73 5.13 -21.65
CA ALA A 95 16.19 5.24 -21.54
C ALA A 95 16.86 3.88 -21.51
N ALA A 96 16.31 2.94 -20.74
CA ALA A 96 16.84 1.58 -20.69
C ALA A 96 16.71 0.88 -22.05
N ALA A 97 15.58 1.09 -22.72
CA ALA A 97 15.34 0.43 -24.02
C ALA A 97 16.31 0.91 -25.09
N THR A 98 16.62 2.21 -25.07
CA THR A 98 17.52 2.80 -26.07
C THR A 98 18.94 2.24 -25.91
N ILE A 99 19.29 1.90 -24.68
CA ILE A 99 20.59 1.32 -24.36
C ILE A 99 20.67 -0.16 -24.69
N LEU A 100 19.65 -0.91 -24.29
CA LEU A 100 19.68 -2.36 -24.42
C LEU A 100 19.41 -2.81 -25.86
N ARG A 101 18.65 -1.99 -26.60
CA ARG A 101 18.46 -2.20 -28.05
C ARG A 101 17.89 -3.58 -28.39
N GLY A 102 17.01 -4.10 -27.54
CA GLY A 102 16.46 -5.43 -27.72
C GLY A 102 17.45 -6.59 -27.65
N ARG A 103 18.68 -6.33 -27.20
CA ARG A 103 19.74 -7.35 -27.17
C ARG A 103 19.98 -7.94 -25.77
N ARG A 104 19.16 -7.51 -24.82
CA ARG A 104 19.14 -8.08 -23.48
C ARG A 104 17.74 -7.84 -22.97
N THR A 105 17.12 -8.88 -22.43
CA THR A 105 15.76 -8.78 -21.89
C THR A 105 15.57 -7.62 -20.89
N LEU A 106 14.61 -6.76 -21.19
CA LEU A 106 14.27 -5.64 -20.32
C LEU A 106 12.90 -5.92 -19.72
N ALA A 108 10.02 -4.65 -16.91
CA ALA A 108 9.59 -3.44 -16.18
C ALA A 108 8.51 -3.73 -15.15
N GLY A 109 8.69 -3.20 -13.94
CA GLY A 109 7.69 -3.27 -12.88
C GLY A 109 6.48 -2.45 -13.27
N ILE A 110 5.36 -3.15 -13.25
N ILE A 110 5.26 -2.92 -12.98
CA ILE A 110 4.04 -2.61 -13.36
CA ILE A 110 4.08 -2.29 -13.58
C ILE A 110 3.41 -2.94 -12.04
C ILE A 110 2.80 -2.02 -12.70
N GLY A 111 2.99 -1.89 -11.39
CA GLY A 111 1.96 -1.98 -10.36
C GLY A 111 1.29 -0.65 -10.19
N ALA A 112 0.02 -0.70 -9.84
CA ALA A 112 -0.74 0.47 -9.45
C ALA A 112 -1.90 0.01 -8.59
N LEU A 113 -2.39 0.89 -7.71
CA LEU A 113 -3.57 0.54 -6.91
C LEU A 113 -4.80 0.26 -7.78
N ARG A 114 -4.98 1.03 -8.84
CA ARG A 114 -6.13 0.87 -9.73
C ARG A 114 -5.82 -0.02 -10.93
N THR A 115 -6.79 -0.83 -11.34
CA THR A 115 -6.61 -1.68 -12.50
C THR A 115 -6.38 -0.83 -13.74
N ASP A 116 -7.13 0.25 -13.90
CA ASP A 116 -6.99 1.05 -15.11
C ASP A 116 -5.60 1.70 -15.24
N GLU A 117 -5.02 2.13 -14.12
CA GLU A 117 -3.66 2.67 -14.12
CA GLU A 117 -3.65 2.68 -14.17
C GLU A 117 -2.62 1.58 -14.42
N ALA A 118 -2.83 0.39 -13.85
CA ALA A 118 -1.91 -0.73 -14.14
C ALA A 118 -1.93 -1.09 -15.62
N VAL A 119 -3.13 -1.19 -16.19
CA VAL A 119 -3.31 -1.37 -17.63
C VAL A 119 -2.56 -0.28 -18.43
N ALA A 120 -2.77 0.99 -18.10
CA ALA A 120 -2.06 2.10 -18.76
C ALA A 120 -0.53 1.99 -18.66
N LEU A 121 -0.05 1.64 -17.46
CA LEU A 121 1.39 1.47 -17.25
C LEU A 121 1.95 0.33 -18.12
N ALA A 122 1.20 -0.77 -18.22
CA ALA A 122 1.59 -1.92 -19.05
C ALA A 122 1.72 -1.48 -20.52
N LYS A 123 0.70 -0.79 -21.03
CA LYS A 123 0.71 -0.27 -22.40
C LYS A 123 1.88 0.70 -22.62
N ASP A 124 2.12 1.61 -21.66
CA ASP A 124 3.29 2.51 -21.68
C ASP A 124 4.59 1.72 -21.80
N ALA A 125 4.74 0.68 -20.99
CA ALA A 125 5.99 -0.10 -20.94
C ALA A 125 6.23 -0.78 -22.29
N GLU A 126 5.18 -1.36 -22.85
CA GLU A 126 5.28 -1.99 -24.15
C GLU A 126 5.73 -0.97 -25.21
N ALA A 127 5.06 0.19 -25.23
CA ALA A 127 5.34 1.23 -26.23
C ALA A 127 6.76 1.76 -26.07
N ALA A 128 7.25 1.78 -24.84
CA ALA A 128 8.59 2.30 -24.52
C ALA A 128 9.73 1.29 -24.74
N GLY A 129 9.39 0.03 -24.98
CA GLY A 129 10.41 -0.96 -25.35
C GLY A 129 10.72 -2.08 -24.36
N ALA A 130 9.86 -2.26 -23.35
CA ALA A 130 10.04 -3.39 -22.44
C ALA A 130 9.75 -4.68 -23.17
N ASP A 131 10.46 -5.74 -22.77
CA ASP A 131 10.29 -7.08 -23.32
C ASP A 131 9.42 -7.96 -22.44
N ALA A 132 9.19 -7.53 -21.20
CA ALA A 132 8.47 -8.31 -20.20
C ALA A 132 7.93 -7.38 -19.13
N LEU A 133 6.88 -7.84 -18.45
CA LEU A 133 6.24 -7.06 -17.39
C LEU A 133 6.27 -7.83 -16.07
N LEU A 134 6.42 -7.10 -14.98
CA LEU A 134 6.39 -7.70 -13.65
CA LEU A 134 6.39 -7.70 -13.64
C LEU A 134 5.26 -7.04 -12.87
N LEU A 135 4.26 -7.82 -12.49
CA LEU A 135 3.07 -7.22 -11.89
C LEU A 135 2.91 -7.60 -10.43
N ALA A 136 2.97 -6.59 -9.55
CA ALA A 136 2.75 -6.78 -8.11
C ALA A 136 1.30 -6.40 -7.80
N PRO A 137 0.63 -7.21 -6.97
CA PRO A 137 -0.75 -6.90 -6.54
C PRO A 137 -0.78 -5.81 -5.45
N VAL A 138 -0.28 -4.62 -5.76
CA VAL A 138 -0.24 -3.56 -4.74
C VAL A 138 -1.65 -3.24 -4.29
N SER A 139 -1.81 -3.04 -2.98
N SER A 139 -1.82 -3.07 -2.98
CA SER A 139 -3.12 -2.91 -2.38
CA SER A 139 -3.14 -2.90 -2.42
C SER A 139 -3.19 -1.78 -1.36
C SER A 139 -3.22 -1.86 -1.31
N TYR A 140 -4.42 -1.32 -1.13
CA TYR A 140 -4.71 -0.48 0.01
C TYR A 140 -5.82 -1.21 0.74
N THR A 141 -7.04 -1.14 0.19
CA THR A 141 -8.13 -2.01 0.64
C THR A 141 -7.73 -3.45 0.32
N PRO A 142 -7.69 -4.34 1.33
CA PRO A 142 -7.34 -5.74 1.06
C PRO A 142 -8.20 -6.38 -0.04
N LEU A 143 -7.54 -7.04 -0.99
CA LEU A 143 -8.24 -7.66 -2.12
C LEU A 143 -8.55 -9.15 -1.87
N THR A 144 -9.66 -9.61 -2.43
CA THR A 144 -9.99 -11.02 -2.43
C THR A 144 -9.12 -11.73 -3.49
N GLN A 145 -9.02 -13.05 -3.39
CA GLN A 145 -8.30 -13.83 -4.38
C GLN A 145 -8.89 -13.58 -5.75
N GLU A 146 -10.22 -13.53 -5.84
CA GLU A 146 -10.91 -13.33 -7.11
C GLU A 146 -10.63 -11.95 -7.72
N GLU A 147 -10.65 -10.92 -6.88
CA GLU A 147 -10.29 -9.56 -7.30
C GLU A 147 -8.88 -9.51 -7.87
N ALA A 148 -7.93 -10.16 -7.21
CA ALA A 148 -6.57 -10.22 -7.74
C ALA A 148 -6.56 -10.90 -9.10
N TYR A 149 -7.29 -12.00 -9.24
CA TYR A 149 -7.36 -12.69 -10.55
C TYR A 149 -7.80 -11.71 -11.66
N HIS A 150 -8.93 -11.04 -11.47
CA HIS A 150 -9.48 -10.20 -12.53
C HIS A 150 -8.52 -9.04 -12.86
N HIS A 151 -7.83 -8.53 -11.85
CA HIS A 151 -6.80 -7.48 -12.04
C HIS A 151 -5.66 -8.01 -12.94
N PHE A 152 -5.10 -9.16 -12.58
CA PHE A 152 -4.03 -9.79 -13.40
C PHE A 152 -4.50 -10.05 -14.83
N ALA A 153 -5.71 -10.58 -14.99
CA ALA A 153 -6.24 -10.89 -16.33
C ALA A 153 -6.35 -9.64 -17.18
N ALA A 154 -6.82 -8.54 -16.58
CA ALA A 154 -6.97 -7.26 -17.29
C ALA A 154 -5.61 -6.71 -17.76
N VAL A 155 -4.63 -6.72 -16.86
CA VAL A 155 -3.28 -6.27 -17.20
C VAL A 155 -2.65 -7.23 -18.23
N ALA A 156 -2.80 -8.54 -18.04
CA ALA A 156 -2.26 -9.51 -19.00
C ALA A 156 -2.86 -9.34 -20.41
N GLY A 157 -4.13 -8.94 -20.47
CA GLY A 157 -4.81 -8.73 -21.75
C GLY A 157 -4.45 -7.44 -22.47
N ALA A 158 -3.77 -6.54 -21.76
CA ALA A 158 -3.51 -5.18 -22.21
C ALA A 158 -2.41 -5.10 -23.27
N THR A 159 -1.48 -6.05 -23.24
CA THR A 159 -0.32 -6.00 -24.14
C THR A 159 0.03 -7.39 -24.66
N ALA A 160 0.92 -7.42 -25.66
CA ALA A 160 1.41 -8.67 -26.22
C ALA A 160 2.61 -9.22 -25.42
N LEU A 161 3.04 -8.49 -24.39
CA LEU A 161 4.22 -8.88 -23.61
C LEU A 161 3.94 -10.02 -22.60
N PRO A 162 4.96 -10.86 -22.32
CA PRO A 162 4.82 -11.85 -21.26
C PRO A 162 4.94 -11.16 -19.90
N LEU A 163 4.32 -11.78 -18.90
CA LEU A 163 4.21 -11.20 -17.58
C LEU A 163 4.69 -12.17 -16.52
N ALA A 164 5.39 -11.64 -15.51
CA ALA A 164 5.71 -12.41 -14.32
C ALA A 164 4.91 -11.89 -13.14
N ILE A 165 4.43 -12.82 -12.31
CA ILE A 165 3.76 -12.49 -11.08
C ILE A 165 4.81 -12.07 -10.06
N TYR A 166 4.64 -10.87 -9.52
CA TYR A 166 5.52 -10.38 -8.46
C TYR A 166 4.86 -10.71 -7.12
N ASN A 167 5.24 -11.86 -6.56
CA ASN A 167 4.67 -12.36 -5.32
C ASN A 167 5.51 -11.86 -4.14
N ASN A 168 5.08 -10.73 -3.57
CA ASN A 168 5.82 -10.09 -2.49
C ASN A 168 4.85 -9.58 -1.43
N PRO A 169 4.43 -10.46 -0.52
CA PRO A 169 3.48 -10.01 0.50
C PRO A 169 4.03 -8.86 1.36
N THR A 170 5.35 -8.78 1.54
CA THR A 170 5.97 -7.71 2.31
C THR A 170 5.57 -6.31 1.84
N THR A 171 5.64 -6.07 0.54
CA THR A 171 5.34 -4.76 -0.03
C THR A 171 3.87 -4.60 -0.45
N THR A 172 3.23 -5.70 -0.84
CA THR A 172 1.87 -5.64 -1.41
C THR A 172 0.74 -5.88 -0.41
N ARG A 173 1.09 -6.51 0.71
CA ARG A 173 0.13 -7.01 1.70
C ARG A 173 -0.92 -7.97 1.13
N PHE A 174 -0.54 -8.64 0.05
CA PHE A 174 -1.42 -9.63 -0.57
C PHE A 174 -0.73 -11.00 -0.57
N THR A 175 -1.47 -12.03 -0.16
CA THR A 175 -0.96 -13.39 -0.16
C THR A 175 -1.66 -14.25 -1.21
N PHE A 176 -0.88 -14.83 -2.11
CA PHE A 176 -1.40 -15.76 -3.12
C PHE A 176 -1.62 -17.16 -2.53
N SER A 177 -2.87 -17.60 -2.52
CA SER A 177 -3.16 -19.01 -2.26
C SER A 177 -2.59 -19.83 -3.42
N ASP A 178 -2.25 -21.10 -3.16
CA ASP A 178 -1.87 -22.02 -4.24
C ASP A 178 -2.93 -22.05 -5.33
N GLU A 179 -4.21 -22.05 -4.92
CA GLU A 179 -5.35 -22.10 -5.83
C GLU A 179 -5.31 -20.93 -6.81
N LEU A 180 -5.04 -19.74 -6.28
CA LEU A 180 -4.91 -18.56 -7.13
C LEU A 180 -3.69 -18.67 -8.05
N LEU A 181 -2.57 -19.16 -7.52
CA LEU A 181 -1.38 -19.30 -8.36
C LEU A 181 -1.68 -20.18 -9.56
N VAL A 182 -2.40 -21.28 -9.33
CA VAL A 182 -2.80 -22.19 -10.41
C VAL A 182 -3.63 -21.44 -11.47
N ARG A 183 -4.61 -20.65 -11.01
CA ARG A 183 -5.46 -19.91 -11.93
C ARG A 183 -4.63 -18.95 -12.78
N LEU A 184 -3.74 -18.20 -12.13
CA LEU A 184 -2.95 -17.17 -12.79
C LEU A 184 -1.96 -17.78 -13.76
N ALA A 185 -1.38 -18.92 -13.40
CA ALA A 185 -0.36 -19.58 -14.23
C ALA A 185 -0.97 -20.07 -15.55
N TYR A 186 -2.31 -20.11 -15.59
CA TYR A 186 -3.06 -20.48 -16.79
C TYR A 186 -3.61 -19.32 -17.62
N ILE A 187 -3.28 -18.10 -17.23
CA ILE A 187 -3.52 -16.94 -18.09
C ILE A 187 -2.42 -16.92 -19.15
N PRO A 188 -2.80 -16.94 -20.44
CA PRO A 188 -1.90 -17.13 -21.61
C PRO A 188 -0.51 -16.47 -21.56
N ASN A 189 -0.44 -15.18 -21.32
CA ASN A 189 0.87 -14.53 -21.33
C ASN A 189 1.62 -14.47 -20.00
N ILE A 190 1.02 -15.06 -18.96
CA ILE A 190 1.67 -15.13 -17.65
C ILE A 190 2.52 -16.39 -17.65
N ARG A 191 3.85 -16.21 -17.60
CA ARG A 191 4.78 -17.33 -17.77
C ARG A 191 5.82 -17.51 -16.67
N ALA A 192 5.75 -16.69 -15.63
CA ALA A 192 6.78 -16.70 -14.58
C ALA A 192 6.25 -16.14 -13.28
N ILE A 193 6.95 -16.45 -12.17
CA ILE A 193 6.65 -15.89 -10.85
C ILE A 193 7.93 -15.64 -10.05
N LYS A 194 8.01 -14.48 -9.41
CA LYS A 194 9.02 -14.22 -8.38
C LYS A 194 8.38 -14.57 -7.05
N PRO A 196 8.45 -15.29 -2.90
CA PRO A 196 9.25 -14.93 -1.74
C PRO A 196 9.89 -16.21 -1.18
N LEU A 197 10.92 -16.08 -0.36
CA LEU A 197 11.51 -17.26 0.30
C LEU A 197 10.48 -17.90 1.25
N PRO A 198 10.23 -19.20 1.11
CA PRO A 198 9.30 -19.82 2.06
C PRO A 198 9.90 -19.76 3.46
N ALA A 199 9.11 -19.37 4.47
CA ALA A 199 9.60 -19.27 5.86
C ALA A 199 10.41 -20.53 6.23
N ASP A 200 9.98 -21.64 5.65
CA ASP A 200 10.62 -22.95 5.69
C ASP A 200 12.11 -23.07 5.31
N ALA A 201 12.57 -22.19 4.42
CA ALA A 201 13.73 -22.47 3.56
C ALA A 201 13.60 -23.83 2.86
N ASP A 202 12.37 -24.35 2.74
CA ASP A 202 12.16 -25.62 2.05
C ASP A 202 11.84 -25.35 0.58
N TYR A 203 12.87 -24.95 -0.16
CA TYR A 203 12.72 -24.62 -1.57
C TYR A 203 12.35 -25.86 -2.39
N ALA A 204 13.02 -26.97 -2.11
CA ALA A 204 12.74 -28.22 -2.80
C ALA A 204 11.27 -28.63 -2.60
N GLY A 205 10.79 -28.55 -1.35
CA GLY A 205 9.41 -28.92 -1.03
C GLY A 205 8.39 -28.03 -1.75
N GLU A 206 8.68 -26.73 -1.78
CA GLU A 206 7.83 -25.75 -2.45
C GLU A 206 7.77 -26.01 -3.94
N LEU A 207 8.93 -26.27 -4.56
CA LEU A 207 8.97 -26.54 -6.00
C LEU A 207 8.29 -27.88 -6.32
N ALA A 208 8.51 -28.90 -5.51
CA ALA A 208 7.82 -30.18 -5.70
C ALA A 208 6.29 -30.08 -5.61
N ARG A 209 5.81 -29.20 -4.74
CA ARG A 209 4.36 -28.94 -4.59
C ARG A 209 3.80 -28.16 -5.77
N LEU A 210 4.50 -27.10 -6.16
CA LEU A 210 3.97 -26.17 -7.15
C LEU A 210 4.12 -26.56 -8.62
N ARG A 211 5.29 -27.08 -9.00
CA ARG A 211 5.51 -27.38 -10.43
C ARG A 211 4.44 -28.25 -11.09
N PRO A 212 4.03 -29.36 -10.43
CA PRO A 212 2.97 -30.18 -11.03
C PRO A 212 1.62 -29.46 -11.17
N LYS A 213 1.38 -28.46 -10.31
CA LYS A 213 0.11 -27.73 -10.24
C LYS A 213 -0.01 -26.60 -11.26
N LEU A 214 1.09 -25.89 -11.47
CA LEU A 214 1.12 -24.76 -12.40
C LEU A 214 1.28 -25.24 -13.82
N SER A 215 1.14 -24.31 -14.77
CA SER A 215 1.22 -24.66 -16.20
C SER A 215 2.61 -25.22 -16.53
N ASP A 216 2.66 -26.11 -17.51
CA ASP A 216 3.92 -26.71 -17.93
C ASP A 216 4.95 -25.62 -18.25
N ASP A 217 6.19 -25.81 -17.78
CA ASP A 217 7.34 -24.95 -18.08
C ASP A 217 7.26 -23.53 -17.50
N PHE A 218 6.30 -23.32 -16.59
CA PHE A 218 6.20 -22.05 -15.88
C PHE A 218 7.53 -21.79 -15.17
N ALA A 219 8.05 -20.57 -15.28
CA ALA A 219 9.33 -20.23 -14.63
C ALA A 219 9.12 -19.81 -13.18
N ILE A 220 9.61 -20.64 -12.25
CA ILE A 220 9.44 -20.34 -10.83
C ILE A 220 10.78 -19.90 -10.28
N GLY A 221 10.85 -18.65 -9.87
CA GLY A 221 12.10 -18.09 -9.36
C GLY A 221 11.89 -17.44 -8.00
N TYR A 222 12.96 -16.84 -7.48
CA TYR A 222 12.96 -16.32 -6.11
C TYR A 222 13.67 -14.96 -5.99
N SER A 223 13.25 -14.23 -4.95
CA SER A 223 13.94 -13.02 -4.50
C SER A 223 14.18 -13.14 -3.00
N GLY A 224 15.03 -12.26 -2.46
CA GLY A 224 15.53 -12.36 -1.09
C GLY A 224 16.88 -12.99 -1.28
N ASP A 225 17.88 -12.15 -1.53
CA ASP A 225 19.19 -12.57 -2.06
C ASP A 225 19.86 -13.64 -1.20
N TRP A 226 19.72 -13.51 0.12
CA TRP A 226 20.37 -14.42 1.09
C TRP A 226 19.89 -15.88 1.03
N GLY A 227 18.78 -16.14 0.34
CA GLY A 227 18.31 -17.51 0.18
C GLY A 227 18.34 -18.01 -1.25
N CYS A 228 18.73 -17.14 -2.18
CA CYS A 228 18.59 -17.48 -3.59
C CYS A 228 19.62 -18.50 -4.12
N THR A 229 20.78 -18.63 -3.51
CA THR A 229 21.64 -19.72 -4.03
C THR A 229 21.10 -21.09 -3.63
N ASP A 230 20.61 -21.21 -2.40
CA ASP A 230 19.96 -22.46 -1.97
C ASP A 230 18.69 -22.72 -2.81
N ALA A 231 17.93 -21.67 -3.09
CA ALA A 231 16.73 -21.81 -3.93
C ALA A 231 17.08 -22.30 -5.33
N THR A 232 18.15 -21.76 -5.91
CA THR A 232 18.54 -22.15 -7.27
C THR A 232 19.09 -23.58 -7.28
N LEU A 233 19.93 -23.90 -6.29
CA LEU A 233 20.48 -25.26 -6.14
C LEU A 233 19.37 -26.28 -5.99
N ALA A 234 18.29 -25.89 -5.32
CA ALA A 234 17.10 -26.74 -5.15
C ALA A 234 16.24 -26.88 -6.42
N GLY A 235 16.48 -26.05 -7.42
CA GLY A 235 15.80 -26.14 -8.72
C GLY A 235 15.13 -24.86 -9.22
N GLY A 236 15.23 -23.79 -8.44
CA GLY A 236 14.66 -22.49 -8.85
C GLY A 236 15.18 -22.03 -10.22
N ASP A 237 14.31 -21.41 -10.99
CA ASP A 237 14.57 -21.05 -12.38
C ASP A 237 15.24 -19.69 -12.54
N THR A 238 15.05 -18.83 -11.55
CA THR A 238 15.41 -17.41 -11.65
C THR A 238 15.84 -16.87 -10.31
N TRP A 239 16.87 -16.04 -10.32
CA TRP A 239 17.22 -15.21 -9.20
C TRP A 239 16.89 -13.76 -9.59
N TYR A 240 15.79 -13.25 -9.00
CA TYR A 240 15.42 -11.84 -9.10
C TYR A 240 16.24 -11.11 -8.04
N SER A 241 17.33 -10.52 -8.50
CA SER A 241 18.47 -10.19 -7.64
C SER A 241 18.69 -8.71 -7.41
N VAL A 242 18.71 -8.31 -6.15
CA VAL A 242 19.02 -6.94 -5.76
C VAL A 242 20.50 -6.65 -5.93
N VAL A 243 21.35 -7.52 -5.36
CA VAL A 243 22.79 -7.27 -5.43
C VAL A 243 23.30 -7.19 -6.86
N ALA A 244 22.73 -7.99 -7.75
CA ALA A 244 23.16 -8.01 -9.17
C ALA A 244 22.94 -6.68 -9.87
N GLY A 245 21.97 -5.91 -9.39
CA GLY A 245 21.65 -4.60 -9.98
C GLY A 245 22.77 -3.59 -9.77
N LEU A 246 23.66 -3.90 -8.85
CA LEU A 246 24.79 -3.02 -8.54
C LEU A 246 26.14 -3.71 -8.77
N LEU A 247 26.21 -5.01 -8.44
CA LEU A 247 27.45 -5.80 -8.56
C LEU A 247 27.19 -7.05 -9.40
N PRO A 248 26.93 -6.85 -10.71
CA PRO A 248 26.53 -7.96 -11.57
C PRO A 248 27.60 -9.05 -11.70
N VAL A 249 28.88 -8.67 -11.73
CA VAL A 249 29.94 -9.67 -11.95
C VAL A 249 30.00 -10.80 -10.89
N PRO A 250 30.18 -10.48 -9.58
CA PRO A 250 30.19 -11.55 -8.58
C PRO A 250 28.85 -12.26 -8.46
N ALA A 251 27.75 -11.53 -8.66
CA ALA A 251 26.44 -12.15 -8.64
C ALA A 251 26.29 -13.19 -9.77
N LEU A 252 26.79 -12.88 -10.96
CA LEU A 252 26.79 -13.82 -12.08
C LEU A 252 27.58 -15.09 -11.79
N GLN A 253 28.78 -14.94 -11.23
CA GLN A 253 29.64 -16.08 -10.86
C GLN A 253 28.90 -17.00 -9.89
N LEU A 254 28.30 -16.43 -8.85
CA LEU A 254 27.51 -17.19 -7.89
C LEU A 254 26.35 -17.93 -8.59
N ARG A 256 25.90 -18.78 -11.73
CA ARG A 256 26.31 -19.84 -12.67
C ARG A 256 26.63 -21.12 -11.92
N ALA A 257 27.30 -20.99 -10.77
CA ALA A 257 27.65 -22.17 -9.97
C ALA A 257 26.35 -22.84 -9.47
N ALA A 258 25.43 -22.03 -8.97
CA ALA A 258 24.14 -22.54 -8.49
C ALA A 258 23.33 -23.21 -9.61
N GLN A 259 23.31 -22.58 -10.79
CA GLN A 259 22.57 -23.13 -11.93
C GLN A 259 23.10 -24.50 -12.36
N ALA A 260 24.42 -24.63 -12.34
CA ALA A 260 25.08 -25.89 -12.68
C ALA A 260 24.88 -26.98 -11.61
N GLY A 261 24.36 -26.60 -10.45
CA GLY A 261 24.17 -27.52 -9.33
C GLY A 261 25.49 -27.83 -8.63
N ASN A 262 26.46 -26.92 -8.79
CA ASN A 262 27.76 -27.02 -8.17
C ASN A 262 27.67 -26.49 -6.74
N ALA A 263 27.09 -27.30 -5.84
CA ALA A 263 26.77 -26.83 -4.49
C ALA A 263 28.01 -26.47 -3.69
N GLU A 264 29.08 -27.24 -3.85
CA GLU A 264 30.32 -26.99 -3.14
C GLU A 264 30.83 -25.59 -3.48
N GLU A 265 30.97 -25.31 -4.78
CA GLU A 265 31.43 -24.00 -5.25
C GLU A 265 30.44 -22.89 -4.91
N ALA A 266 29.16 -23.14 -5.15
CA ALA A 266 28.13 -22.13 -4.93
C ALA A 266 28.09 -21.68 -3.47
N LYS A 267 28.21 -22.64 -2.54
CA LYS A 267 28.16 -22.29 -1.12
C LYS A 267 29.38 -21.50 -0.66
N ARG A 268 30.53 -21.80 -1.24
CA ARG A 268 31.75 -21.03 -0.99
C ARG A 268 31.61 -19.59 -1.49
N LEU A 269 31.08 -19.43 -2.70
CA LEU A 269 30.88 -18.12 -3.27
C LEU A 269 29.82 -17.34 -2.48
N ASP A 270 28.76 -18.03 -2.07
CA ASP A 270 27.69 -17.39 -1.29
C ASP A 270 28.22 -16.83 0.03
N ALA A 271 29.18 -17.54 0.65
CA ALA A 271 29.76 -17.12 1.92
C ALA A 271 30.40 -15.73 1.84
N THR A 272 30.96 -15.39 0.68
CA THR A 272 31.56 -14.07 0.43
C THR A 272 30.54 -12.91 0.56
N PHE A 273 29.27 -13.22 0.25
CA PHE A 273 28.16 -12.26 0.32
C PHE A 273 27.50 -12.17 1.70
N GLN A 274 27.84 -13.07 2.62
CA GLN A 274 27.16 -13.14 3.91
C GLN A 274 27.14 -11.80 4.69
N PRO A 275 28.26 -11.06 4.71
CA PRO A 275 28.21 -9.74 5.36
C PRO A 275 27.16 -8.81 4.75
N LEU A 276 27.07 -8.80 3.42
CA LEU A 276 26.02 -8.05 2.73
C LEU A 276 24.63 -8.62 3.04
N TRP A 277 24.49 -9.94 3.05
CA TRP A 277 23.21 -10.59 3.38
C TRP A 277 22.74 -10.18 4.78
N ALA A 278 23.67 -10.12 5.73
CA ALA A 278 23.33 -9.75 7.11
C ALA A 278 22.70 -8.36 7.15
N LEU A 279 23.30 -7.44 6.40
CA LEU A 279 22.85 -6.06 6.31
C LEU A 279 21.48 -5.96 5.63
N PHE A 280 21.28 -6.71 4.56
CA PHE A 280 19.97 -6.82 3.90
C PHE A 280 18.89 -7.22 4.90
N LYS A 281 19.16 -8.25 5.69
CA LYS A 281 18.17 -8.77 6.64
C LYS A 281 17.86 -7.78 7.77
N GLU A 282 18.89 -7.10 8.26
CA GLU A 282 18.74 -6.15 9.36
C GLU A 282 18.01 -4.87 8.93
N PHE A 283 18.39 -4.33 7.77
CA PHE A 283 17.99 -2.98 7.39
C PHE A 283 17.07 -2.88 6.17
N GLY A 284 16.90 -3.99 5.45
CA GLY A 284 16.15 -4.00 4.19
C GLY A 284 17.13 -3.72 3.08
N SER A 285 17.09 -4.54 2.03
CA SER A 285 18.05 -4.43 0.93
C SER A 285 18.03 -3.06 0.24
N ILE A 286 16.87 -2.43 0.15
CA ILE A 286 16.81 -1.13 -0.55
C ILE A 286 17.71 -0.08 0.12
N ARG A 287 17.68 0.02 1.46
CA ARG A 287 18.48 1.03 2.17
C ARG A 287 19.97 0.71 2.01
N VAL A 288 20.30 -0.58 2.11
CA VAL A 288 21.68 -1.04 1.97
C VAL A 288 22.20 -0.78 0.57
N ILE A 289 21.39 -1.07 -0.44
CA ILE A 289 21.83 -0.92 -1.81
C ILE A 289 22.05 0.55 -2.20
N TYR A 290 21.20 1.46 -1.70
CA TYR A 290 21.45 2.89 -1.88
C TYR A 290 22.77 3.33 -1.23
N ALA A 291 23.06 2.82 -0.04
CA ALA A 291 24.33 3.12 0.63
C ALA A 291 25.51 2.60 -0.20
N ALA A 292 25.40 1.35 -0.65
CA ALA A 292 26.44 0.75 -1.52
C ALA A 292 26.63 1.53 -2.82
N ALA A 293 25.54 1.94 -3.46
CA ALA A 293 25.64 2.68 -4.72
C ALA A 293 26.38 4.02 -4.51
N ASN A 294 26.15 4.65 -3.35
CA ASN A 294 26.80 5.91 -3.03
CA ASN A 294 26.82 5.91 -3.05
C ASN A 294 28.31 5.70 -2.78
N ILE A 295 28.63 4.64 -2.04
CA ILE A 295 30.02 4.21 -1.81
C ILE A 295 30.77 3.94 -3.13
N LEU A 296 30.09 3.35 -4.11
CA LEU A 296 30.71 3.03 -5.40
C LEU A 296 30.62 4.16 -6.42
N SER A 297 30.13 5.33 -5.99
CA SER A 297 29.91 6.49 -6.87
C SER A 297 29.05 6.15 -8.09
N LEU A 298 28.01 5.36 -7.85
CA LEU A 298 27.05 5.01 -8.88
C LEU A 298 25.79 5.82 -8.72
N THR A 299 25.65 6.48 -7.55
CA THR A 299 24.57 7.44 -7.34
C THR A 299 24.92 8.47 -6.28
N VAL A 300 24.26 9.62 -6.38
CA VAL A 300 24.23 10.61 -5.29
C VAL A 300 22.80 10.72 -4.73
N SER A 301 21.88 9.95 -5.32
CA SER A 301 20.48 9.95 -4.89
C SER A 301 20.30 9.27 -3.53
N GLU A 302 19.21 9.61 -2.84
CA GLU A 302 18.82 8.94 -1.61
C GLU A 302 17.45 8.27 -1.82
N PRO A 303 17.09 7.32 -0.93
CA PRO A 303 15.76 6.70 -1.08
C PRO A 303 14.64 7.76 -1.09
N PRO A 304 13.49 7.42 -1.70
CA PRO A 304 12.36 8.36 -1.75
C PRO A 304 11.75 8.47 -0.35
N ARG A 305 11.72 9.69 0.21
CA ARG A 305 11.08 9.89 1.51
C ARG A 305 9.61 9.46 1.45
N PRO A 306 9.10 8.76 2.49
CA PRO A 306 9.64 8.61 3.84
C PRO A 306 10.77 7.61 4.10
N ILE A 307 11.17 6.81 3.11
CA ILE A 307 12.34 5.93 3.34
C ILE A 307 13.57 6.82 3.59
N LEU A 308 14.33 6.49 4.63
CA LEU A 308 15.51 7.24 5.01
C LEU A 308 16.79 6.40 4.90
N PRO A 309 17.93 7.06 4.61
CA PRO A 309 19.17 6.30 4.49
C PRO A 309 19.75 5.79 5.82
N LEU A 310 20.74 4.91 5.71
CA LEU A 310 21.45 4.35 6.85
C LEU A 310 22.32 5.40 7.55
N THR A 311 22.60 5.16 8.82
CA THR A 311 23.51 5.99 9.61
C THR A 311 24.96 5.83 9.12
N SER A 312 25.83 6.73 9.58
CA SER A 312 27.23 6.70 9.20
C SER A 312 27.88 5.36 9.56
N ALA A 313 27.61 4.86 10.76
CA ALA A 313 28.22 3.61 11.23
C ALA A 313 27.69 2.43 10.43
N GLU A 314 26.40 2.51 10.05
CA GLU A 314 25.80 1.46 9.24
C GLU A 314 26.37 1.45 7.83
N ARG A 315 26.59 2.64 7.26
CA ARG A 315 27.22 2.75 5.95
C ARG A 315 28.65 2.18 5.96
N GLN A 316 29.31 2.29 7.11
CA GLN A 316 30.65 1.75 7.29
CA GLN A 316 30.66 1.75 7.23
C GLN A 316 30.63 0.23 7.18
N ARG A 317 29.59 -0.37 7.77
CA ARG A 317 29.38 -1.80 7.67
C ARG A 317 29.17 -2.23 6.22
N VAL A 318 28.40 -1.45 5.46
CA VAL A 318 28.22 -1.71 4.03
C VAL A 318 29.57 -1.65 3.29
N GLU A 319 30.36 -0.64 3.59
CA GLU A 319 31.67 -0.48 2.97
C GLU A 319 32.54 -1.71 3.23
N GLU A 320 32.48 -2.23 4.46
CA GLU A 320 33.21 -3.43 4.84
C GLU A 320 32.67 -4.69 4.14
N ALA A 321 31.34 -4.75 3.96
CA ALA A 321 30.70 -5.83 3.22
C ALA A 321 31.11 -5.88 1.75
N LEU A 322 31.24 -4.70 1.14
CA LEU A 322 31.72 -4.58 -0.22
C LEU A 322 33.18 -5.00 -0.35
N GLU A 323 33.98 -4.68 0.68
CA GLU A 323 35.39 -5.07 0.69
C GLU A 323 35.54 -6.58 0.69
N ALA A 324 34.72 -7.25 1.52
CA ALA A 324 34.66 -8.71 1.58
C ALA A 324 34.39 -9.33 0.22
N LEU A 325 33.61 -8.64 -0.61
CA LEU A 325 33.29 -9.13 -1.95
C LEU A 325 34.43 -8.89 -2.93
N SER A 326 35.06 -7.73 -2.85
CA SER A 326 36.06 -7.33 -3.83
C SER A 326 37.43 -7.92 -3.49
N GLU B 28 -12.36 25.77 22.18
CA GLU B 28 -11.58 26.84 21.49
C GLU B 28 -10.10 26.83 21.88
N THR B 29 -9.78 26.14 22.97
CA THR B 29 -8.39 26.02 23.38
C THR B 29 -7.74 24.83 22.67
N ASP B 30 -8.32 23.65 22.85
CA ASP B 30 -7.72 22.42 22.34
C ASP B 30 -8.46 21.96 21.09
N ALA B 32 -8.44 19.14 19.87
CA ALA B 32 -8.96 17.79 20.08
C ALA B 32 -10.49 17.71 20.10
N THR B 33 -11.15 18.74 20.62
CA THR B 33 -12.61 18.71 20.76
CA THR B 33 -12.62 18.77 20.74
C THR B 33 -13.37 18.49 19.44
N ARG B 34 -12.82 18.98 18.34
CA ARG B 34 -13.51 18.79 17.05
C ARG B 34 -13.51 17.34 16.54
N PHE B 35 -12.66 16.50 17.13
CA PHE B 35 -12.58 15.08 16.73
C PHE B 35 -13.54 14.17 17.50
N LYS B 36 -14.19 14.69 18.53
CA LYS B 36 -15.05 13.87 19.38
C LYS B 36 -16.42 13.59 18.75
N GLY B 37 -17.03 12.49 19.18
CA GLY B 37 -18.41 12.16 18.79
C GLY B 37 -18.49 11.32 17.54
N LEU B 38 -19.55 11.55 16.77
CA LEU B 38 -19.78 10.75 15.57
C LEU B 38 -19.13 11.44 14.37
N SER B 39 -18.09 10.79 13.84
CA SER B 39 -17.45 11.22 12.60
C SER B 39 -17.89 10.31 11.47
N ALA B 40 -18.72 10.86 10.57
CA ALA B 40 -19.39 10.09 9.53
C ALA B 40 -18.58 10.13 8.22
N PHE B 41 -18.29 8.95 7.68
CA PHE B 41 -17.41 8.79 6.51
C PHE B 41 -18.20 8.38 5.27
N PRO B 42 -18.56 9.36 4.42
CA PRO B 42 -19.30 8.99 3.22
C PRO B 42 -18.40 8.36 2.15
N ILE B 43 -19.01 7.59 1.26
CA ILE B 43 -18.32 7.22 0.02
C ILE B 43 -18.04 8.46 -0.85
N THR B 44 -17.12 8.32 -1.79
CA THR B 44 -16.90 9.36 -2.79
C THR B 44 -17.33 8.80 -4.14
N PRO B 45 -18.59 9.06 -4.54
CA PRO B 45 -19.06 8.50 -5.81
C PRO B 45 -18.17 8.98 -6.96
N ALA B 46 -17.80 8.06 -7.85
CA ALA B 46 -16.92 8.40 -8.97
C ALA B 46 -17.14 7.40 -10.09
N ASP B 47 -16.92 7.81 -11.32
CA ASP B 47 -17.12 6.93 -12.46
C ASP B 47 -15.93 5.98 -12.61
N GLU B 48 -15.99 5.09 -13.61
CA GLU B 48 -14.92 4.10 -13.83
C GLU B 48 -13.52 4.69 -14.07
N ALA B 49 -13.48 5.93 -14.55
CA ALA B 49 -12.19 6.63 -14.77
C ALA B 49 -11.71 7.41 -13.52
N GLY B 50 -12.46 7.34 -12.43
CA GLY B 50 -12.08 8.02 -11.18
C GLY B 50 -12.51 9.49 -11.11
N ARG B 51 -13.38 9.93 -12.01
CA ARG B 51 -13.94 11.27 -11.99
C ARG B 51 -15.06 11.36 -10.97
N VAL B 52 -14.90 12.20 -9.95
CA VAL B 52 -15.88 12.29 -8.87
C VAL B 52 -17.21 12.81 -9.42
N ASP B 53 -18.29 12.11 -9.05
CA ASP B 53 -19.67 12.53 -9.33
C ASP B 53 -20.04 13.56 -8.26
N ILE B 54 -19.80 14.83 -8.57
CA ILE B 54 -19.92 15.89 -7.57
C ILE B 54 -21.38 16.10 -7.14
N GLU B 55 -22.30 15.86 -8.07
CA GLU B 55 -23.73 15.96 -7.76
C GLU B 55 -24.21 14.96 -6.70
N ALA B 56 -23.83 13.69 -6.87
CA ALA B 56 -24.16 12.65 -5.91
C ALA B 56 -23.41 12.86 -4.59
N PHE B 57 -22.15 13.26 -4.68
CA PHE B 57 -21.35 13.52 -3.49
C PHE B 57 -21.97 14.68 -2.68
N SER B 58 -22.38 15.74 -3.39
CA SER B 58 -22.99 16.92 -2.76
C SER B 58 -24.20 16.54 -1.91
N ALA B 59 -25.06 15.66 -2.42
CA ALA B 59 -26.26 15.22 -1.71
C ALA B 59 -25.87 14.45 -0.44
N LEU B 60 -24.86 13.59 -0.55
CA LEU B 60 -24.39 12.83 0.62
C LEU B 60 -23.92 13.78 1.71
N ILE B 61 -23.13 14.80 1.33
CA ILE B 61 -22.61 15.77 2.31
C ILE B 61 -23.77 16.53 2.97
N ALA B 62 -24.73 16.95 2.16
CA ALA B 62 -25.87 17.73 2.66
C ALA B 62 -26.71 16.91 3.66
N ARG B 63 -26.92 15.63 3.35
CA ARG B 63 -27.65 14.73 4.26
C ARG B 63 -26.96 14.52 5.60
N LEU B 64 -25.62 14.45 5.59
CA LEU B 64 -24.83 14.41 6.82
C LEU B 64 -25.01 15.67 7.67
N ASP B 65 -25.00 16.83 7.03
CA ASP B 65 -25.16 18.11 7.74
C ASP B 65 -26.57 18.17 8.36
N ALA B 66 -27.57 17.75 7.59
CA ALA B 66 -28.97 17.76 8.02
C ALA B 66 -29.22 16.84 9.24
N ALA B 67 -28.48 15.73 9.29
CA ALA B 67 -28.55 14.77 10.40
C ALA B 67 -27.78 15.21 11.63
N GLU B 68 -26.99 16.28 11.50
CA GLU B 68 -26.26 16.89 12.62
C GLU B 68 -25.19 15.97 13.20
N VAL B 69 -24.47 15.27 12.32
CA VAL B 69 -23.29 14.52 12.75
C VAL B 69 -22.23 15.47 13.33
N ASP B 70 -21.33 14.95 14.18
CA ASP B 70 -20.32 15.81 14.80
C ASP B 70 -19.24 16.26 13.83
N SER B 71 -18.85 15.38 12.93
CA SER B 71 -17.92 15.75 11.86
C SER B 71 -18.18 14.92 10.61
N VAL B 72 -17.77 15.48 9.48
CA VAL B 72 -17.87 14.81 8.18
C VAL B 72 -16.46 14.41 7.78
N GLY B 73 -16.22 13.10 7.73
CA GLY B 73 -14.90 12.58 7.40
C GLY B 73 -14.85 12.12 5.95
N ILE B 74 -14.47 13.01 5.05
CA ILE B 74 -14.40 12.65 3.64
C ILE B 74 -13.03 12.08 3.29
N LEU B 75 -12.99 11.33 2.19
CA LEU B 75 -11.72 10.77 1.69
C LEU B 75 -10.99 9.92 2.74
N GLY B 76 -11.75 9.14 3.52
CA GLY B 76 -11.15 8.05 4.30
C GLY B 76 -11.04 6.85 3.39
N SER B 77 -10.74 5.69 3.95
N SER B 77 -10.73 5.69 3.96
CA SER B 77 -10.75 4.44 3.17
CA SER B 77 -10.76 4.44 3.19
C SER B 77 -12.13 4.15 2.56
C SER B 77 -12.12 4.27 2.52
N THR B 78 -13.19 4.51 3.29
CA THR B 78 -14.57 4.40 2.78
C THR B 78 -14.77 5.30 1.55
N GLY B 79 -14.10 6.45 1.54
CA GLY B 79 -14.19 7.44 0.47
C GLY B 79 -13.11 7.30 -0.60
N ILE B 80 -12.49 6.12 -0.65
CA ILE B 80 -11.52 5.69 -1.71
C ILE B 80 -10.40 6.69 -2.04
N TYR B 81 -9.89 7.36 -1.02
CA TYR B 81 -8.94 8.45 -1.28
C TYR B 81 -7.71 8.02 -2.07
N TYR B 83 -7.54 5.87 -4.36
CA TYR B 83 -7.95 5.50 -5.72
C TYR B 83 -8.39 6.70 -6.56
N LEU B 84 -8.11 7.90 -6.04
CA LEU B 84 -8.46 9.14 -6.72
C LEU B 84 -7.20 9.96 -6.87
N THR B 85 -7.13 10.76 -7.94
CA THR B 85 -5.99 11.65 -8.17
C THR B 85 -5.99 12.81 -7.19
N ARG B 86 -4.83 13.46 -7.08
CA ARG B 86 -4.70 14.67 -6.26
C ARG B 86 -5.76 15.69 -6.66
N GLU B 87 -5.95 15.84 -7.96
CA GLU B 87 -6.93 16.80 -8.48
C GLU B 87 -8.38 16.45 -8.10
N GLU B 88 -8.75 15.17 -8.22
CA GLU B 88 -10.12 14.72 -7.87
C GLU B 88 -10.36 14.78 -6.37
N ARG B 89 -9.31 14.48 -5.60
CA ARG B 89 -9.37 14.64 -4.15
C ARG B 89 -9.66 16.10 -3.79
N ARG B 90 -8.94 17.03 -4.44
CA ARG B 90 -9.17 18.46 -4.21
C ARG B 90 -10.59 18.88 -4.58
N ARG B 91 -11.08 18.40 -5.72
CA ARG B 91 -12.44 18.66 -6.17
C ARG B 91 -13.47 18.23 -5.13
N ALA B 92 -13.27 17.04 -4.57
CA ALA B 92 -14.14 16.49 -3.53
C ALA B 92 -14.13 17.38 -2.28
N ILE B 93 -12.95 17.80 -1.85
CA ILE B 93 -12.86 18.65 -0.67
C ILE B 93 -13.54 19.99 -0.91
N GLU B 94 -13.27 20.60 -2.07
CA GLU B 94 -13.92 21.85 -2.45
C GLU B 94 -15.45 21.74 -2.41
N ALA B 95 -15.99 20.64 -2.95
CA ALA B 95 -17.44 20.44 -2.99
C ALA B 95 -18.00 20.30 -1.59
N ALA B 96 -17.35 19.50 -0.75
CA ALA B 96 -17.81 19.29 0.62
C ALA B 96 -17.83 20.61 1.39
N ALA B 97 -16.77 21.40 1.24
CA ALA B 97 -16.70 22.73 1.87
C ALA B 97 -17.77 23.69 1.34
N THR B 98 -18.03 23.62 0.03
CA THR B 98 -19.06 24.42 -0.65
C THR B 98 -20.45 24.11 -0.07
N ILE B 99 -20.75 22.82 0.11
CA ILE B 99 -22.04 22.40 0.68
C ILE B 99 -22.16 22.79 2.15
N LEU B 100 -21.10 22.56 2.93
CA LEU B 100 -21.19 22.74 4.38
C LEU B 100 -21.12 24.19 4.85
N ARG B 101 -20.41 25.03 4.09
CA ARG B 101 -20.19 26.44 4.44
C ARG B 101 -19.90 26.64 5.94
N GLY B 102 -18.96 25.83 6.45
CA GLY B 102 -18.53 25.91 7.84
C GLY B 102 -19.52 25.52 8.92
N ARG B 103 -20.64 24.89 8.56
CA ARG B 103 -21.65 24.50 9.56
C ARG B 103 -21.31 23.22 10.32
N ARG B 104 -20.43 22.39 9.76
CA ARG B 104 -19.98 21.14 10.40
C ARG B 104 -18.49 20.97 10.15
N THR B 105 -17.79 20.46 11.14
CA THR B 105 -16.37 20.14 11.00
C THR B 105 -16.14 19.22 9.79
N LEU B 106 -15.25 19.66 8.90
CA LEU B 106 -14.90 18.85 7.73
C LEU B 106 -13.50 18.29 7.89
N ALA B 108 -10.51 15.65 6.29
CA ALA B 108 -10.15 15.05 5.00
C ALA B 108 -8.96 14.10 5.11
N GLY B 109 -9.08 12.93 4.49
CA GLY B 109 -8.00 11.95 4.44
C GLY B 109 -6.89 12.44 3.53
N ILE B 110 -5.61 12.40 3.95
N ILE B 110 -5.73 12.47 4.16
CA ILE B 110 -4.56 13.01 3.07
CA ILE B 110 -4.50 12.73 3.52
C ILE B 110 -3.25 12.19 2.80
C ILE B 110 -3.69 11.49 3.76
N GLY B 111 -3.37 10.86 2.66
CA GLY B 111 -2.24 9.92 2.61
C GLY B 111 -1.66 9.79 1.23
N ALA B 112 -0.37 9.44 1.19
CA ALA B 112 0.34 9.19 -0.04
C ALA B 112 1.58 8.36 0.30
N LEU B 113 2.09 7.61 -0.68
CA LEU B 113 3.30 6.85 -0.46
C LEU B 113 4.50 7.76 -0.15
N ARG B 114 4.54 8.93 -0.81
CA ARG B 114 5.67 9.84 -0.68
C ARG B 114 5.34 10.96 0.31
N THR B 115 6.32 11.34 1.13
CA THR B 115 6.16 12.45 2.05
C THR B 115 5.80 13.74 1.30
N ASP B 116 6.48 14.01 0.20
CA ASP B 116 6.24 15.26 -0.52
C ASP B 116 4.82 15.36 -1.09
N GLU B 117 4.28 14.23 -1.53
N GLU B 117 4.29 14.23 -1.53
CA GLU B 117 2.90 14.21 -2.02
CA GLU B 117 2.90 14.17 -2.02
C GLU B 117 1.88 14.34 -0.89
C GLU B 117 1.91 14.36 -0.87
N ALA B 118 2.17 13.70 0.25
CA ALA B 118 1.32 13.83 1.43
C ALA B 118 1.28 15.30 1.91
N VAL B 119 2.43 15.95 1.91
CA VAL B 119 2.53 17.36 2.26
C VAL B 119 1.66 18.22 1.34
N ALA B 120 1.73 17.95 0.04
CA ALA B 120 0.99 18.73 -0.95
C ALA B 120 -0.51 18.50 -0.81
N LEU B 121 -0.91 17.25 -0.53
CA LEU B 121 -2.31 16.92 -0.30
C LEU B 121 -2.85 17.66 0.91
N ALA B 122 -2.06 17.71 1.98
CA ALA B 122 -2.43 18.43 3.21
C ALA B 122 -2.67 19.92 2.92
N LYS B 123 -1.71 20.54 2.23
CA LYS B 123 -1.81 21.94 1.81
C LYS B 123 -3.05 22.18 0.95
N ASP B 124 -3.29 21.27 0.01
CA ASP B 124 -4.49 21.32 -0.86
C ASP B 124 -5.77 21.32 -0.02
N ALA B 125 -5.83 20.42 0.95
CA ALA B 125 -7.00 20.23 1.81
C ALA B 125 -7.27 21.49 2.62
N GLU B 126 -6.23 22.07 3.20
CA GLU B 126 -6.39 23.30 3.94
C GLU B 126 -6.91 24.43 3.04
N ALA B 127 -6.32 24.56 1.85
CA ALA B 127 -6.72 25.60 0.91
C ALA B 127 -8.16 25.40 0.44
N ALA B 128 -8.58 24.14 0.33
CA ALA B 128 -9.93 23.80 -0.15
C ALA B 128 -11.03 23.88 0.92
N GLY B 129 -10.62 24.08 2.17
CA GLY B 129 -11.58 24.33 3.26
C GLY B 129 -11.80 23.25 4.29
N ALA B 130 -10.93 22.24 4.33
CA ALA B 130 -10.92 21.28 5.44
C ALA B 130 -10.64 21.96 6.79
N ASP B 131 -11.26 21.44 7.86
CA ASP B 131 -11.04 21.87 9.25
C ASP B 131 -10.08 20.92 10.00
N ALA B 132 -9.80 19.77 9.42
CA ALA B 132 -8.99 18.75 10.09
C ALA B 132 -8.49 17.77 9.05
N LEU B 133 -7.39 17.10 9.39
CA LEU B 133 -6.77 16.16 8.46
C LEU B 133 -6.67 14.81 9.11
N LEU B 134 -6.69 13.76 8.29
CA LEU B 134 -6.63 12.40 8.78
C LEU B 134 -5.50 11.72 8.01
N LEU B 135 -4.46 11.31 8.72
CA LEU B 135 -3.24 10.83 8.04
C LEU B 135 -2.91 9.36 8.31
N ALA B 136 -2.89 8.56 7.24
CA ALA B 136 -2.53 7.14 7.32
C ALA B 136 -1.09 6.90 6.86
N PRO B 137 -0.38 5.94 7.49
CA PRO B 137 0.99 5.57 7.10
C PRO B 137 1.03 4.64 5.89
N VAL B 138 0.57 5.14 4.74
CA VAL B 138 0.54 4.38 3.49
C VAL B 138 1.94 3.86 3.16
N SER B 139 2.06 2.56 2.92
CA SER B 139 3.37 1.94 2.74
C SER B 139 3.44 1.03 1.52
N TYR B 140 4.62 0.98 0.92
CA TYR B 140 4.97 -0.10 0.01
C TYR B 140 6.18 -0.80 0.66
N THR B 141 7.36 -0.20 0.54
CA THR B 141 8.52 -0.64 1.31
C THR B 141 8.18 -0.40 2.78
N PRO B 142 8.26 -1.45 3.60
CA PRO B 142 7.90 -1.26 5.01
C PRO B 142 8.78 -0.20 5.68
N LEU B 143 8.15 0.65 6.50
CA LEU B 143 8.85 1.78 7.10
C LEU B 143 9.27 1.44 8.51
N THR B 144 10.38 2.04 8.95
CA THR B 144 10.73 1.99 10.37
C THR B 144 9.81 2.92 11.19
N GLN B 145 9.83 2.76 12.51
CA GLN B 145 9.08 3.64 13.40
C GLN B 145 9.54 5.09 13.23
N GLU B 146 10.85 5.27 13.10
CA GLU B 146 11.44 6.61 12.91
CA GLU B 146 11.45 6.59 12.92
C GLU B 146 11.05 7.23 11.58
N GLU B 147 11.07 6.42 10.52
CA GLU B 147 10.64 6.89 9.21
C GLU B 147 9.18 7.37 9.23
N ALA B 148 8.33 6.64 9.94
CA ALA B 148 6.91 7.04 10.06
C ALA B 148 6.82 8.33 10.85
N TYR B 149 7.61 8.43 11.93
CA TYR B 149 7.64 9.69 12.68
C TYR B 149 7.93 10.89 11.77
N HIS B 150 9.01 10.83 10.99
CA HIS B 150 9.41 12.01 10.21
C HIS B 150 8.39 12.36 9.12
N HIS B 151 7.73 11.33 8.59
CA HIS B 151 6.65 11.51 7.61
C HIS B 151 5.49 12.30 8.25
N PHE B 152 5.02 11.84 9.42
CA PHE B 152 3.96 12.52 10.16
C PHE B 152 4.34 13.95 10.53
N ALA B 153 5.57 14.15 11.03
CA ALA B 153 6.03 15.48 11.41
C ALA B 153 6.05 16.43 10.21
N ALA B 154 6.50 15.94 9.06
CA ALA B 154 6.56 16.78 7.86
C ALA B 154 5.14 17.21 7.45
N VAL B 155 4.21 16.27 7.46
CA VAL B 155 2.82 16.57 7.08
C VAL B 155 2.18 17.51 8.11
N ALA B 156 2.37 17.22 9.39
CA ALA B 156 1.82 18.07 10.47
C ALA B 156 2.34 19.49 10.40
N GLY B 157 3.64 19.63 10.06
CA GLY B 157 4.24 20.94 9.94
C GLY B 157 3.79 21.72 8.73
N ALA B 158 3.18 21.03 7.76
CA ALA B 158 2.84 21.65 6.47
C ALA B 158 1.60 22.56 6.52
N THR B 159 0.73 22.34 7.50
CA THR B 159 -0.47 23.18 7.63
C THR B 159 -0.76 23.56 9.08
N ALA B 160 -1.67 24.51 9.23
CA ALA B 160 -2.13 24.98 10.53
C ALA B 160 -3.30 24.15 11.09
N LEU B 161 -3.76 23.17 10.32
CA LEU B 161 -4.86 22.29 10.73
C LEU B 161 -4.43 21.24 11.75
N PRO B 162 -5.37 20.80 12.60
CA PRO B 162 -5.12 19.67 13.48
C PRO B 162 -5.23 18.38 12.67
N LEU B 163 -4.57 17.35 13.17
CA LEU B 163 -4.54 16.07 12.48
CA LEU B 163 -4.52 16.07 12.48
C LEU B 163 -4.89 14.94 13.43
N ALA B 164 -5.60 13.94 12.89
CA ALA B 164 -5.81 12.66 13.58
C ALA B 164 -4.92 11.61 12.92
N ILE B 165 -4.33 10.75 13.75
CA ILE B 165 -3.59 9.58 13.27
C ILE B 165 -4.58 8.50 12.79
N TYR B 166 -4.41 8.06 11.55
CA TYR B 166 -5.29 7.07 10.95
C TYR B 166 -4.61 5.70 11.12
N ASN B 167 -4.86 5.07 12.27
CA ASN B 167 -4.28 3.77 12.60
C ASN B 167 -5.15 2.64 12.03
N ASN B 168 -4.93 2.33 10.75
CA ASN B 168 -5.70 1.29 10.07
CA ASN B 168 -5.71 1.33 10.03
C ASN B 168 -4.76 0.24 9.47
N PRO B 169 -4.27 -0.65 10.34
CA PRO B 169 -3.23 -1.58 9.88
C PRO B 169 -3.66 -2.53 8.75
N THR B 170 -4.96 -2.74 8.57
CA THR B 170 -5.40 -3.64 7.48
C THR B 170 -5.11 -3.04 6.11
N THR B 171 -5.01 -1.72 6.03
CA THR B 171 -4.69 -1.06 4.76
C THR B 171 -3.21 -0.69 4.65
N THR B 172 -2.41 -1.00 5.69
CA THR B 172 -0.98 -0.61 5.71
C THR B 172 -0.01 -1.68 6.23
N ARG B 173 -0.50 -2.60 7.06
CA ARG B 173 0.33 -3.51 7.88
C ARG B 173 1.42 -2.79 8.66
N PHE B 174 1.17 -1.51 8.97
CA PHE B 174 2.08 -0.75 9.79
C PHE B 174 1.53 -0.74 11.21
N THR B 175 2.32 -1.26 12.14
CA THR B 175 1.91 -1.25 13.52
C THR B 175 2.58 -0.08 14.23
N PHE B 176 1.76 0.80 14.78
CA PHE B 176 2.25 1.84 15.66
C PHE B 176 2.59 1.19 16.99
N SER B 177 3.87 1.18 17.36
CA SER B 177 4.24 0.81 18.73
C SER B 177 3.71 1.89 19.68
N ASP B 178 3.52 1.56 20.95
CA ASP B 178 3.15 2.57 21.94
C ASP B 178 4.19 3.70 21.94
N GLU B 179 5.47 3.36 21.79
CA GLU B 179 6.52 4.38 21.78
C GLU B 179 6.26 5.41 20.67
N LEU B 180 5.95 4.94 19.46
CA LEU B 180 5.67 5.83 18.33
C LEU B 180 4.40 6.66 18.55
N LEU B 181 3.36 6.08 19.14
CA LEU B 181 2.16 6.84 19.48
C LEU B 181 2.47 7.99 20.44
N VAL B 182 3.30 7.72 21.45
CA VAL B 182 3.77 8.77 22.35
C VAL B 182 4.48 9.89 21.57
N ARG B 183 5.43 9.50 20.72
CA ARG B 183 6.15 10.48 19.89
C ARG B 183 5.17 11.35 19.09
N LEU B 184 4.23 10.69 18.40
CA LEU B 184 3.31 11.41 17.52
C LEU B 184 2.31 12.27 18.27
N ALA B 185 1.80 11.75 19.39
CA ALA B 185 0.82 12.48 20.20
C ALA B 185 1.43 13.74 20.81
N TYR B 186 2.75 13.81 20.81
CA TYR B 186 3.44 15.03 21.24
C TYR B 186 3.66 16.05 20.12
N ILE B 187 3.36 15.68 18.88
CA ILE B 187 3.41 16.71 17.82
C ILE B 187 2.25 17.68 18.10
N PRO B 188 2.55 18.99 18.26
CA PRO B 188 1.56 19.96 18.77
C PRO B 188 0.18 19.90 18.13
N ASN B 189 0.14 19.77 16.80
CA ASN B 189 -1.15 19.78 16.10
C ASN B 189 -1.76 18.39 15.81
N ILE B 190 -1.10 17.33 16.28
CA ILE B 190 -1.74 16.02 16.23
C ILE B 190 -2.52 15.87 17.53
N ARG B 191 -3.83 15.75 17.43
CA ARG B 191 -4.70 15.79 18.61
C ARG B 191 -5.67 14.62 18.76
N ALA B 192 -5.61 13.65 17.84
CA ALA B 192 -6.54 12.53 17.87
C ALA B 192 -5.97 11.29 17.20
N ILE B 193 -6.59 10.15 17.49
CA ILE B 193 -6.26 8.92 16.79
C ILE B 193 -7.50 8.07 16.57
N LYS B 194 -7.60 7.49 15.38
CA LYS B 194 -8.58 6.46 15.05
C LYS B 194 -7.90 5.12 15.21
N PRO B 196 -7.78 0.90 15.60
CA PRO B 196 -8.54 -0.27 15.22
C PRO B 196 -9.11 -0.95 16.48
N LEU B 197 -10.10 -1.83 16.31
CA LEU B 197 -10.62 -2.58 17.45
C LEU B 197 -9.53 -3.47 18.02
N PRO B 198 -9.31 -3.42 19.36
CA PRO B 198 -8.35 -4.36 19.97
C PRO B 198 -8.77 -5.82 19.73
N ALA B 199 -7.81 -6.71 19.53
CA ALA B 199 -8.09 -8.09 19.11
C ALA B 199 -8.88 -8.88 20.16
N ASP B 200 -8.71 -8.48 21.42
CA ASP B 200 -9.36 -9.15 22.54
C ASP B 200 -10.58 -8.38 23.03
N ALA B 201 -10.96 -7.33 22.28
CA ALA B 201 -12.05 -6.43 22.63
C ALA B 201 -11.94 -5.81 24.04
N ASP B 202 -10.72 -5.65 24.53
CA ASP B 202 -10.52 -4.97 25.81
C ASP B 202 -10.28 -3.48 25.61
N TYR B 203 -11.37 -2.76 25.34
CA TYR B 203 -11.33 -1.31 25.12
C TYR B 203 -10.90 -0.56 26.37
N ALA B 204 -11.50 -0.93 27.51
CA ALA B 204 -11.17 -0.30 28.78
C ALA B 204 -9.68 -0.44 29.12
N GLY B 205 -9.12 -1.63 28.90
CA GLY B 205 -7.70 -1.87 29.19
C GLY B 205 -6.80 -1.05 28.28
N GLU B 206 -7.18 -1.00 26.99
CA GLU B 206 -6.42 -0.24 26.00
C GLU B 206 -6.43 1.24 26.36
N LEU B 207 -7.61 1.78 26.66
CA LEU B 207 -7.72 3.18 27.04
C LEU B 207 -6.94 3.48 28.34
N ALA B 208 -7.00 2.59 29.31
CA ALA B 208 -6.28 2.78 30.58
C ALA B 208 -4.77 2.79 30.40
N ARG B 209 -4.28 2.02 29.43
CA ARG B 209 -2.85 1.98 29.13
C ARG B 209 -2.42 3.26 28.41
N LEU B 210 -3.22 3.67 27.42
CA LEU B 210 -2.82 4.77 26.51
C LEU B 210 -2.99 6.17 27.05
N ARG B 211 -4.13 6.45 27.68
CA ARG B 211 -4.42 7.80 28.15
C ARG B 211 -3.30 8.43 29.01
N PRO B 212 -2.74 7.68 29.97
CA PRO B 212 -1.66 8.24 30.77
C PRO B 212 -0.37 8.56 30.02
N LYS B 213 -0.12 7.87 28.90
CA LYS B 213 1.15 7.99 28.15
C LYS B 213 1.11 9.02 27.03
N LEU B 214 -0.05 9.18 26.42
CA LEU B 214 -0.21 10.13 25.33
C LEU B 214 -0.45 11.51 25.93
N SER B 215 -0.30 12.57 25.12
CA SER B 215 -0.47 13.95 25.60
C SER B 215 -1.85 14.16 26.22
N ASP B 216 -1.92 15.09 27.18
CA ASP B 216 -3.17 15.39 27.88
C ASP B 216 -4.28 15.70 26.88
N ASP B 217 -5.47 15.14 27.13
CA ASP B 217 -6.69 15.44 26.36
C ASP B 217 -6.68 14.96 24.90
N PHE B 218 -5.72 14.12 24.55
CA PHE B 218 -5.68 13.48 23.23
C PHE B 218 -7.00 12.72 23.02
N ALA B 219 -7.60 12.86 21.84
CA ALA B 219 -8.88 12.21 21.58
C ALA B 219 -8.62 10.80 21.02
N ILE B 220 -8.99 9.79 21.78
CA ILE B 220 -8.78 8.39 21.34
C ILE B 220 -10.12 7.79 20.92
N GLY B 221 -10.25 7.50 19.63
CA GLY B 221 -11.47 6.96 19.07
C GLY B 221 -11.24 5.66 18.29
N TYR B 222 -12.32 5.12 17.75
CA TYR B 222 -12.31 3.80 17.14
C TYR B 222 -13.06 3.72 15.82
N SER B 223 -12.67 2.75 14.99
CA SER B 223 -13.37 2.39 13.76
C SER B 223 -13.56 0.86 13.74
N GLY B 224 -14.44 0.38 12.86
CA GLY B 224 -14.90 -1.02 12.86
C GLY B 224 -16.24 -0.96 13.53
N ASP B 225 -17.28 -0.71 12.73
CA ASP B 225 -18.57 -0.23 13.25
C ASP B 225 -19.18 -1.20 14.26
N TRP B 226 -18.97 -2.51 14.05
CA TRP B 226 -19.54 -3.55 14.91
C TRP B 226 -18.98 -3.57 16.35
N GLY B 227 -17.89 -2.85 16.59
CA GLY B 227 -17.26 -2.79 17.91
C GLY B 227 -17.35 -1.43 18.57
N CYS B 228 -17.88 -0.46 17.85
CA CYS B 228 -17.80 0.93 18.29
C CYS B 228 -18.79 1.36 19.38
N THR B 229 -19.94 0.70 19.48
CA THR B 229 -20.84 0.94 20.62
C THR B 229 -20.14 0.55 21.94
N ASP B 230 -19.58 -0.66 21.98
CA ASP B 230 -18.79 -1.13 23.12
C ASP B 230 -17.60 -0.21 23.42
N ALA B 231 -16.90 0.22 22.38
CA ALA B 231 -15.72 1.06 22.54
C ALA B 231 -16.10 2.39 23.19
N THR B 232 -17.18 2.99 22.70
CA THR B 232 -17.66 4.25 23.27
C THR B 232 -18.14 4.07 24.72
N LEU B 233 -18.95 3.04 24.98
CA LEU B 233 -19.40 2.75 26.35
C LEU B 233 -18.24 2.55 27.32
N ALA B 234 -17.12 2.02 26.81
CA ALA B 234 -15.91 1.80 27.60
C ALA B 234 -15.10 3.06 27.83
N GLY B 235 -15.41 4.11 27.07
CA GLY B 235 -14.73 5.39 27.23
C GLY B 235 -14.17 6.04 25.98
N GLY B 236 -14.35 5.40 24.82
CA GLY B 236 -13.85 5.93 23.54
C GLY B 236 -14.42 7.30 23.25
N ASP B 237 -13.62 8.17 22.64
CA ASP B 237 -14.01 9.57 22.42
C ASP B 237 -14.75 9.81 21.09
N THR B 238 -14.51 8.92 20.12
CA THR B 238 -14.99 9.14 18.75
C THR B 238 -15.40 7.82 18.12
N TRP B 239 -16.45 7.84 17.32
CA TRP B 239 -16.75 6.74 16.43
C TRP B 239 -16.49 7.22 15.00
N TYR B 240 -15.41 6.73 14.39
CA TYR B 240 -15.12 7.01 12.98
C TYR B 240 -15.91 5.98 12.19
N SER B 241 -17.07 6.41 11.69
CA SER B 241 -18.16 5.51 11.31
C SER B 241 -18.40 5.36 9.80
N VAL B 242 -18.39 4.11 9.33
CA VAL B 242 -18.74 3.82 7.93
C VAL B 242 -20.25 3.99 7.71
N VAL B 243 -21.05 3.33 8.54
CA VAL B 243 -22.49 3.32 8.32
C VAL B 243 -23.08 4.73 8.40
N ALA B 244 -22.52 5.58 9.26
CA ALA B 244 -23.00 6.96 9.41
C ALA B 244 -22.85 7.83 8.16
N GLY B 245 -21.87 7.50 7.31
CA GLY B 245 -21.68 8.18 6.04
C GLY B 245 -22.86 8.03 5.10
N LEU B 246 -23.70 7.02 5.34
CA LEU B 246 -24.84 6.73 4.47
C LEU B 246 -26.16 6.83 5.22
N LEU B 247 -26.15 6.39 6.48
CA LEU B 247 -27.34 6.34 7.32
C LEU B 247 -27.06 7.11 8.62
N PRO B 248 -26.90 8.44 8.50
CA PRO B 248 -26.46 9.21 9.66
C PRO B 248 -27.48 9.27 10.80
N VAL B 249 -28.77 9.25 10.48
CA VAL B 249 -29.80 9.44 11.52
C VAL B 249 -29.79 8.31 12.57
N PRO B 250 -29.96 7.05 12.14
CA PRO B 250 -29.89 5.98 13.15
C PRO B 250 -28.52 5.85 13.80
N ALA B 251 -27.44 6.14 13.06
CA ALA B 251 -26.10 6.05 13.64
C ALA B 251 -25.92 7.08 14.75
N LEU B 252 -26.45 8.29 14.55
CA LEU B 252 -26.29 9.34 15.54
C LEU B 252 -27.10 9.02 16.80
N GLN B 253 -28.31 8.48 16.62
CA GLN B 253 -29.16 8.05 17.73
C GLN B 253 -28.37 7.07 18.58
N LEU B 254 -27.76 6.09 17.91
CA LEU B 254 -26.92 5.10 18.55
C LEU B 254 -25.74 5.73 19.30
N ARG B 256 -25.27 8.79 20.37
CA ARG B 256 -25.71 9.65 21.49
C ARG B 256 -26.09 8.80 22.70
N ALA B 257 -26.79 7.68 22.47
CA ALA B 257 -27.13 6.79 23.59
C ALA B 257 -25.89 6.24 24.28
N ALA B 258 -24.90 5.81 23.49
CA ALA B 258 -23.62 5.32 24.01
C ALA B 258 -22.86 6.42 24.76
N GLN B 259 -22.82 7.62 24.18
CA GLN B 259 -22.16 8.76 24.82
C GLN B 259 -22.82 9.15 26.13
N ALA B 260 -24.14 9.03 26.21
CA ALA B 260 -24.89 9.38 27.42
C ALA B 260 -24.77 8.28 28.49
N GLY B 261 -24.11 7.18 28.13
CA GLY B 261 -24.02 6.00 29.01
C GLY B 261 -25.35 5.29 29.18
N ASN B 262 -26.24 5.42 28.20
CA ASN B 262 -27.48 4.64 28.19
C ASN B 262 -27.20 3.31 27.51
N ALA B 263 -26.53 2.44 28.25
CA ALA B 263 -25.96 1.18 27.74
C ALA B 263 -26.97 0.24 27.11
N GLU B 264 -28.13 0.05 27.74
CA GLU B 264 -29.17 -0.82 27.18
C GLU B 264 -29.81 -0.27 25.93
N GLU B 265 -30.11 1.04 25.92
CA GLU B 265 -30.64 1.67 24.72
CA GLU B 265 -30.64 1.68 24.73
C GLU B 265 -29.62 1.54 23.59
N ALA B 266 -28.36 1.83 23.91
CA ALA B 266 -27.28 1.74 22.92
C ALA B 266 -27.22 0.30 22.36
N LYS B 267 -27.23 -0.68 23.25
CA LYS B 267 -27.17 -2.09 22.84
C LYS B 267 -28.39 -2.51 22.03
N ARG B 268 -29.57 -2.00 22.41
CA ARG B 268 -30.81 -2.25 21.64
C ARG B 268 -30.68 -1.70 20.22
N LEU B 269 -30.20 -0.46 20.11
CA LEU B 269 -30.03 0.19 18.82
C LEU B 269 -28.94 -0.50 18.01
N ASP B 270 -27.86 -0.88 18.69
CA ASP B 270 -26.75 -1.60 18.07
C ASP B 270 -27.24 -2.90 17.41
N ALA B 271 -28.15 -3.60 18.08
CA ALA B 271 -28.71 -4.84 17.53
C ALA B 271 -29.50 -4.67 16.22
N THR B 272 -30.10 -3.50 16.00
CA THR B 272 -30.78 -3.23 14.73
C THR B 272 -29.80 -3.18 13.56
N PHE B 273 -28.56 -2.82 13.86
CA PHE B 273 -27.47 -2.78 12.87
C PHE B 273 -26.78 -4.14 12.69
N GLN B 274 -27.11 -5.13 13.52
CA GLN B 274 -26.35 -6.39 13.55
C GLN B 274 -26.31 -7.14 12.21
N PRO B 275 -27.46 -7.22 11.48
CA PRO B 275 -27.41 -7.78 10.13
C PRO B 275 -26.39 -7.09 9.22
N LEU B 276 -26.29 -5.76 9.30
CA LEU B 276 -25.28 -5.02 8.54
C LEU B 276 -23.86 -5.28 9.07
N TRP B 277 -23.70 -5.32 10.38
CA TRP B 277 -22.41 -5.66 11.01
C TRP B 277 -21.86 -6.98 10.49
N ALA B 278 -22.72 -7.99 10.42
CA ALA B 278 -22.31 -9.33 10.01
C ALA B 278 -21.80 -9.29 8.57
N LEU B 279 -22.49 -8.53 7.73
CA LEU B 279 -22.05 -8.34 6.33
C LEU B 279 -20.72 -7.57 6.24
N PHE B 280 -20.57 -6.50 7.02
CA PHE B 280 -19.29 -5.78 7.11
C PHE B 280 -18.14 -6.75 7.44
N LYS B 281 -18.34 -7.59 8.45
CA LYS B 281 -17.30 -8.52 8.92
C LYS B 281 -16.94 -9.57 7.87
N GLU B 282 -17.95 -10.06 7.17
CA GLU B 282 -17.73 -11.10 6.16
C GLU B 282 -17.06 -10.58 4.89
N PHE B 283 -17.50 -9.41 4.42
CA PHE B 283 -17.17 -8.93 3.08
C PHE B 283 -16.32 -7.67 3.00
N GLY B 284 -16.16 -6.97 4.13
CA GLY B 284 -15.50 -5.67 4.17
C GLY B 284 -16.56 -4.59 4.06
N SER B 285 -16.49 -3.60 4.95
CA SER B 285 -17.53 -2.55 4.97
C SER B 285 -17.61 -1.77 3.67
N ILE B 286 -16.47 -1.55 3.01
CA ILE B 286 -16.50 -0.77 1.76
C ILE B 286 -17.40 -1.42 0.70
N ARG B 287 -17.31 -2.74 0.54
CA ARG B 287 -18.13 -3.40 -0.47
C ARG B 287 -19.60 -3.34 -0.09
N VAL B 288 -19.87 -3.55 1.19
CA VAL B 288 -21.25 -3.56 1.70
C VAL B 288 -21.87 -2.16 1.55
N ILE B 289 -21.10 -1.13 1.90
CA ILE B 289 -21.67 0.21 1.89
C ILE B 289 -21.96 0.71 0.45
N TYR B 290 -21.13 0.31 -0.51
CA TYR B 290 -21.42 0.60 -1.92
C TYR B 290 -22.73 -0.07 -2.36
N ALA B 291 -22.90 -1.33 -1.97
CA ALA B 291 -24.15 -2.06 -2.25
C ALA B 291 -25.34 -1.28 -1.67
N ALA B 292 -25.22 -0.90 -0.40
CA ALA B 292 -26.29 -0.19 0.30
C ALA B 292 -26.61 1.16 -0.35
N ALA B 293 -25.57 1.90 -0.73
CA ALA B 293 -25.77 3.20 -1.39
C ALA B 293 -26.50 3.07 -2.72
N ASN B 294 -26.17 2.04 -3.49
CA ASN B 294 -26.89 1.73 -4.73
C ASN B 294 -28.35 1.33 -4.45
N ILE B 295 -28.56 0.49 -3.45
CA ILE B 295 -29.92 0.05 -3.06
C ILE B 295 -30.79 1.27 -2.67
N LEU B 296 -30.18 2.25 -2.00
CA LEU B 296 -30.87 3.44 -1.55
C LEU B 296 -30.96 4.56 -2.59
N SER B 297 -30.44 4.29 -3.79
CA SER B 297 -30.45 5.24 -4.91
C SER B 297 -29.69 6.52 -4.59
N LEU B 298 -28.62 6.40 -3.81
CA LEU B 298 -27.78 7.53 -3.47
C LEU B 298 -26.49 7.57 -4.27
N THR B 299 -26.23 6.50 -5.02
CA THR B 299 -25.15 6.49 -6.00
C THR B 299 -25.45 5.46 -7.08
N VAL B 300 -24.81 5.62 -8.23
CA VAL B 300 -24.76 4.59 -9.27
C VAL B 300 -23.34 4.06 -9.44
N SER B 301 -22.42 4.59 -8.63
CA SER B 301 -21.01 4.22 -8.70
C SER B 301 -20.74 2.82 -8.15
N GLU B 302 -19.64 2.23 -8.61
CA GLU B 302 -19.16 0.96 -8.13
C GLU B 302 -17.79 1.17 -7.48
N PRO B 303 -17.34 0.23 -6.64
CA PRO B 303 -15.99 0.39 -6.08
C PRO B 303 -14.94 0.55 -7.19
N PRO B 304 -13.79 1.19 -6.86
CA PRO B 304 -12.74 1.36 -7.88
C PRO B 304 -12.03 0.04 -8.12
N ARG B 305 -12.02 -0.41 -9.37
CA ARG B 305 -11.32 -1.65 -9.69
C ARG B 305 -9.84 -1.51 -9.31
N PRO B 306 -9.25 -2.56 -8.71
CA PRO B 306 -9.69 -3.96 -8.63
C PRO B 306 -10.70 -4.37 -7.55
N ILE B 307 -11.13 -3.45 -6.69
CA ILE B 307 -12.20 -3.77 -5.75
C ILE B 307 -13.46 -4.05 -6.59
N LEU B 308 -14.16 -5.12 -6.28
CA LEU B 308 -15.36 -5.51 -7.01
C LEU B 308 -16.58 -5.53 -6.08
N PRO B 309 -17.77 -5.29 -6.64
CA PRO B 309 -19.00 -5.32 -5.84
C PRO B 309 -19.38 -6.72 -5.36
N LEU B 310 -20.37 -6.79 -4.48
CA LEU B 310 -20.85 -8.06 -3.95
C LEU B 310 -21.68 -8.81 -4.98
N THR B 311 -21.89 -10.11 -4.73
CA THR B 311 -22.68 -10.97 -5.61
C THR B 311 -24.17 -10.62 -5.54
N SER B 312 -24.92 -11.17 -6.48
CA SER B 312 -26.37 -11.03 -6.53
C SER B 312 -27.05 -11.37 -5.19
N ALA B 313 -26.73 -12.53 -4.64
CA ALA B 313 -27.29 -13.00 -3.39
C ALA B 313 -26.85 -12.14 -2.20
N GLU B 314 -25.60 -11.66 -2.27
CA GLU B 314 -25.04 -10.84 -1.20
C GLU B 314 -25.69 -9.45 -1.12
N ARG B 315 -25.92 -8.82 -2.28
CA ARG B 315 -26.65 -7.55 -2.37
CA ARG B 315 -26.66 -7.55 -2.35
C ARG B 315 -28.03 -7.71 -1.73
N GLN B 316 -28.66 -8.86 -1.98
CA GLN B 316 -29.97 -9.13 -1.41
C GLN B 316 -29.95 -9.19 0.11
N ARG B 317 -28.87 -9.76 0.66
CA ARG B 317 -28.65 -9.74 2.10
C ARG B 317 -28.47 -8.31 2.64
N VAL B 318 -27.86 -7.43 1.84
CA VAL B 318 -27.71 -6.00 2.24
C VAL B 318 -29.09 -5.34 2.30
N GLU B 319 -29.89 -5.57 1.26
CA GLU B 319 -31.25 -5.03 1.19
C GLU B 319 -32.06 -5.46 2.42
N GLU B 320 -31.93 -6.74 2.80
CA GLU B 320 -32.59 -7.27 3.99
C GLU B 320 -32.06 -6.65 5.26
N ALA B 321 -30.76 -6.38 5.30
CA ALA B 321 -30.12 -5.73 6.45
C ALA B 321 -30.59 -4.29 6.63
N LEU B 322 -30.85 -3.61 5.52
CA LEU B 322 -31.36 -2.24 5.54
C LEU B 322 -32.82 -2.18 5.98
N GLU B 323 -33.62 -3.16 5.54
CA GLU B 323 -35.01 -3.28 5.97
C GLU B 323 -35.09 -3.55 7.46
N ALA B 324 -34.26 -4.48 7.94
CA ALA B 324 -34.16 -4.80 9.37
C ALA B 324 -33.88 -3.56 10.21
N LEU B 325 -33.01 -2.69 9.68
CA LEU B 325 -32.65 -1.45 10.34
C LEU B 325 -33.78 -0.43 10.34
N SER B 326 -34.47 -0.32 9.21
CA SER B 326 -35.49 0.70 8.99
C SER B 326 -36.86 0.28 9.49
#